data_5H3J
#
_entry.id   5H3J
#
_cell.length_a   97.681
_cell.length_b   35.855
_cell.length_c   64.030
_cell.angle_alpha   90.00
_cell.angle_beta   93.54
_cell.angle_gamma   90.00
#
_symmetry.space_group_name_H-M   'C 1 2 1'
#
loop_
_entity.id
_entity.type
_entity.pdbx_description
1 polymer 'Golgi reassembly-stacking protein 2'
2 polymer Golgin-45
3 non-polymer 'ZINC ION'
4 water water
#
loop_
_entity_poly.entity_id
_entity_poly.type
_entity_poly.pdbx_seq_one_letter_code
_entity_poly.pdbx_strand_id
1 'polypeptide(L)'
;GPEIGSSQSVEIPGGGTEGYHVLRVQENSPGHRAGLEPFFDFIVSINGSRLNKDNDTLKDLLKANVEKPVKMLIYSSKTL
ELREASVTPSNLWGGQGLLGVSIRFCSFDGANENVWHVLEVESNSPAALAGLRPHSDYIIGADTVMNESEDLFSLIETHE
AKPLKLYVYNTDTDNCREVIITPNSAWGGEGSLGCGIGYGYLHRIPTRPFE
;
A
2 'polypeptide(L)' GPEFHPYTRYENITFNCCNHCQGELIAL B
#
loop_
_chem_comp.id
_chem_comp.type
_chem_comp.name
_chem_comp.formula
ZN non-polymer 'ZINC ION' 'Zn 2'
#
# COMPACT_ATOMS: atom_id res chain seq x y z
N GLU A 11 12.52 2.13 -18.56
CA GLU A 11 11.59 2.33 -19.66
C GLU A 11 10.47 3.31 -19.27
N ILE A 12 10.76 4.30 -18.43
CA ILE A 12 9.81 5.40 -18.23
C ILE A 12 10.19 6.59 -19.09
N PRO A 13 9.43 6.83 -20.16
CA PRO A 13 9.72 8.03 -20.94
C PRO A 13 9.57 9.28 -20.07
N GLY A 14 10.61 10.11 -20.00
CA GLY A 14 10.57 11.30 -19.16
C GLY A 14 11.42 11.16 -17.91
N GLY A 15 11.72 9.94 -17.49
CA GLY A 15 12.53 9.72 -16.31
C GLY A 15 11.88 10.18 -15.02
N GLY A 16 12.70 10.37 -13.98
CA GLY A 16 12.27 10.79 -12.64
C GLY A 16 11.57 9.68 -11.85
N THR A 17 11.39 9.88 -10.55
CA THR A 17 10.69 8.89 -9.71
C THR A 17 9.34 9.38 -9.18
N GLU A 18 8.91 10.56 -9.60
CA GLU A 18 7.60 11.06 -9.17
C GLU A 18 6.45 10.29 -9.82
N GLY A 19 5.33 10.24 -9.12
CA GLY A 19 4.13 9.68 -9.69
C GLY A 19 3.02 9.69 -8.66
N TYR A 20 1.88 9.14 -9.03
CA TYR A 20 0.72 9.12 -8.14
C TYR A 20 0.65 7.78 -7.42
N HIS A 21 0.82 7.85 -6.11
CA HIS A 21 0.77 6.68 -5.27
C HIS A 21 -0.70 6.29 -5.09
N VAL A 22 -1.02 5.07 -5.51
CA VAL A 22 -2.36 4.55 -5.38
C VAL A 22 -2.52 4.01 -3.95
N LEU A 23 -3.44 4.60 -3.19
CA LEU A 23 -3.63 4.26 -1.78
C LEU A 23 -4.92 3.53 -1.49
N ARG A 24 -5.88 3.56 -2.41
CA ARG A 24 -7.16 2.90 -2.24
C ARG A 24 -7.63 2.46 -3.61
N VAL A 25 -8.13 1.24 -3.73
CA VAL A 25 -8.74 0.75 -4.95
C VAL A 25 -10.03 0.06 -4.56
N GLN A 26 -11.16 0.68 -4.88
CA GLN A 26 -12.43 0.09 -4.50
C GLN A 26 -12.67 -1.18 -5.31
N GLU A 27 -13.11 -2.23 -4.62
CA GLU A 27 -13.40 -3.48 -5.29
C GLU A 27 -14.50 -3.24 -6.34
N ASN A 28 -14.35 -3.89 -7.49
CA ASN A 28 -15.29 -3.83 -8.62
C ASN A 28 -15.27 -2.52 -9.40
N SER A 29 -14.30 -1.65 -9.11
CA SER A 29 -14.12 -0.41 -9.83
C SER A 29 -13.34 -0.62 -11.11
N PRO A 30 -13.30 0.39 -11.99
CA PRO A 30 -12.44 0.27 -13.16
C PRO A 30 -10.96 0.09 -12.77
N GLY A 31 -10.50 0.75 -11.71
CA GLY A 31 -9.15 0.55 -11.24
C GLY A 31 -8.91 -0.89 -10.81
N HIS A 32 -9.88 -1.46 -10.11
CA HIS A 32 -9.77 -2.84 -9.66
C HIS A 32 -9.72 -3.77 -10.87
N ARG A 33 -10.59 -3.55 -11.85
CA ARG A 33 -10.63 -4.40 -13.02
C ARG A 33 -9.31 -4.34 -13.80
N ALA A 34 -8.66 -3.19 -13.80
CA ALA A 34 -7.38 -3.01 -14.45
C ALA A 34 -6.22 -3.61 -13.69
N GLY A 35 -6.47 -4.06 -12.46
CA GLY A 35 -5.41 -4.64 -11.65
C GLY A 35 -4.56 -3.66 -10.88
N LEU A 36 -5.06 -2.44 -10.67
CA LEU A 36 -4.37 -1.50 -9.81
C LEU A 36 -4.40 -2.01 -8.39
N GLU A 37 -3.26 -1.91 -7.70
CA GLU A 37 -3.08 -2.48 -6.37
C GLU A 37 -2.81 -1.36 -5.37
N PRO A 38 -3.63 -1.25 -4.32
CA PRO A 38 -3.35 -0.20 -3.35
C PRO A 38 -2.02 -0.42 -2.67
N PHE A 39 -1.42 0.70 -2.32
CA PHE A 39 -0.14 0.79 -1.65
C PHE A 39 1.10 0.48 -2.49
N PHE A 40 1.02 -0.48 -3.40
CA PHE A 40 2.19 -0.87 -4.17
C PHE A 40 2.33 -0.11 -5.49
N ASP A 41 1.23 0.38 -6.05
CA ASP A 41 1.26 0.94 -7.39
C ASP A 41 1.40 2.45 -7.41
N PHE A 42 2.25 2.90 -8.32
CA PHE A 42 2.47 4.31 -8.61
C PHE A 42 2.16 4.56 -10.08
N ILE A 43 1.18 5.42 -10.37
CA ILE A 43 0.88 5.75 -11.76
C ILE A 43 1.90 6.77 -12.23
N VAL A 44 2.68 6.38 -13.21
CA VAL A 44 3.80 7.16 -13.74
CA VAL A 44 3.73 7.28 -13.68
C VAL A 44 3.43 7.95 -15.00
N SER A 45 2.54 7.38 -15.81
CA SER A 45 2.09 8.04 -17.03
CA SER A 45 2.12 8.01 -17.05
C SER A 45 0.70 7.55 -17.43
N ILE A 46 0.01 8.38 -18.20
CA ILE A 46 -1.28 8.01 -18.77
C ILE A 46 -1.26 8.42 -20.24
N ASN A 47 -1.54 7.44 -21.10
CA ASN A 47 -1.49 7.62 -22.56
C ASN A 47 -0.22 8.32 -22.99
N GLY A 48 0.88 7.92 -22.38
CA GLY A 48 2.19 8.45 -22.72
C GLY A 48 2.52 9.82 -22.16
N SER A 49 1.60 10.39 -21.37
CA SER A 49 1.84 11.68 -20.71
C SER A 49 2.46 11.41 -19.33
N ARG A 50 3.66 11.91 -19.09
CA ARG A 50 4.38 11.66 -17.84
C ARG A 50 3.77 12.47 -16.68
N LEU A 51 3.40 11.75 -15.61
CA LEU A 51 2.74 12.38 -14.47
C LEU A 51 3.75 12.70 -13.38
N ASN A 52 4.60 13.67 -13.67
CA ASN A 52 5.71 14.02 -12.80
C ASN A 52 5.51 15.37 -12.14
N LYS A 53 4.28 15.87 -12.17
CA LYS A 53 3.92 17.10 -11.49
C LYS A 53 2.59 16.95 -10.79
N ASP A 54 2.46 17.60 -9.64
CA ASP A 54 1.22 17.63 -8.90
C ASP A 54 0.32 18.68 -9.53
N ASN A 55 -0.54 18.24 -10.44
CA ASN A 55 -1.47 19.14 -11.11
C ASN A 55 -2.71 18.36 -11.59
N ASP A 56 -3.56 18.99 -12.40
CA ASP A 56 -4.82 18.36 -12.81
C ASP A 56 -4.74 17.52 -14.08
N THR A 57 -3.55 17.22 -14.59
CA THR A 57 -3.44 16.46 -15.84
C THR A 57 -4.14 15.11 -15.76
N LEU A 58 -3.88 14.35 -14.70
CA LEU A 58 -4.44 13.02 -14.58
C LEU A 58 -5.98 13.10 -14.54
N LYS A 59 -6.50 13.95 -13.67
CA LYS A 59 -7.93 14.11 -13.55
C LYS A 59 -8.56 14.50 -14.89
N ASP A 60 -7.92 15.44 -15.59
CA ASP A 60 -8.49 15.96 -16.83
C ASP A 60 -8.43 14.92 -17.94
N LEU A 61 -7.35 14.15 -18.00
CA LEU A 61 -7.26 13.12 -19.02
C LEU A 61 -8.28 12.01 -18.77
N LEU A 62 -8.54 11.69 -17.50
CA LEU A 62 -9.59 10.72 -17.22
C LEU A 62 -10.95 11.24 -17.70
N LYS A 63 -11.21 12.50 -17.40
CA LYS A 63 -12.49 13.13 -17.78
C LYS A 63 -12.66 13.14 -19.29
N ALA A 64 -11.59 13.44 -20.02
CA ALA A 64 -11.65 13.48 -21.48
C ALA A 64 -11.85 12.11 -22.08
N ASN A 65 -11.52 11.07 -21.32
CA ASN A 65 -11.58 9.70 -21.81
C ASN A 65 -12.63 8.82 -21.13
N VAL A 66 -13.70 9.43 -20.68
CA VAL A 66 -14.76 8.65 -20.06
C VAL A 66 -15.27 7.64 -21.11
N GLU A 67 -15.35 6.38 -20.69
CA GLU A 67 -15.71 5.24 -21.54
C GLU A 67 -14.74 4.93 -22.68
N LYS A 68 -13.52 5.43 -22.56
CA LYS A 68 -12.47 5.12 -23.52
C LYS A 68 -11.33 4.50 -22.75
N PRO A 69 -10.88 3.31 -23.16
CA PRO A 69 -9.70 2.74 -22.51
C PRO A 69 -8.50 3.68 -22.60
N VAL A 70 -7.80 3.85 -21.48
CA VAL A 70 -6.54 4.58 -21.44
C VAL A 70 -5.45 3.59 -21.04
N LYS A 71 -4.22 3.91 -21.41
CA LYS A 71 -3.06 3.10 -21.06
C LYS A 71 -2.26 3.77 -19.96
N MET A 72 -2.14 3.12 -18.82
CA MET A 72 -1.31 3.64 -17.73
C MET A 72 -0.02 2.86 -17.66
N LEU A 73 1.06 3.58 -17.40
CA LEU A 73 2.33 2.98 -17.03
C LEU A 73 2.42 3.08 -15.52
N ILE A 74 2.69 1.93 -14.89
CA ILE A 74 2.65 1.81 -13.44
CA ILE A 74 2.65 1.80 -13.44
C ILE A 74 3.98 1.23 -12.95
N TYR A 75 4.53 1.83 -11.89
CA TYR A 75 5.68 1.25 -11.18
C TYR A 75 5.13 0.58 -9.93
N SER A 76 5.55 -0.66 -9.67
CA SER A 76 5.13 -1.37 -8.47
C SER A 76 6.27 -1.50 -7.47
N SER A 77 6.05 -1.04 -6.23
CA SER A 77 7.03 -1.27 -5.17
C SER A 77 6.98 -2.70 -4.62
N LYS A 78 6.04 -3.51 -5.11
CA LYS A 78 6.03 -4.94 -4.80
C LYS A 78 7.02 -5.71 -5.69
N THR A 79 6.91 -5.51 -7.00
CA THR A 79 7.74 -6.25 -7.95
C THR A 79 8.98 -5.51 -8.38
N LEU A 80 9.01 -4.20 -8.14
CA LEU A 80 10.08 -3.31 -8.58
C LEU A 80 10.13 -3.19 -10.11
N GLU A 81 9.01 -3.49 -10.77
CA GLU A 81 8.90 -3.44 -12.21
C GLU A 81 7.88 -2.41 -12.70
N LEU A 82 8.07 -1.97 -13.94
CA LEU A 82 7.07 -1.21 -14.67
C LEU A 82 6.16 -2.13 -15.44
N ARG A 83 4.90 -1.75 -15.56
CA ARG A 83 3.96 -2.47 -16.40
C ARG A 83 2.96 -1.50 -17.00
N GLU A 84 2.35 -1.91 -18.10
CA GLU A 84 1.25 -1.15 -18.68
C GLU A 84 -0.06 -1.82 -18.33
N ALA A 85 -1.06 -1.01 -18.02
CA ALA A 85 -2.39 -1.50 -17.73
C ALA A 85 -3.41 -0.69 -18.51
N SER A 86 -4.40 -1.36 -19.09
CA SER A 86 -5.53 -0.70 -19.71
C SER A 86 -6.60 -0.46 -18.65
N VAL A 87 -7.12 0.76 -18.61
CA VAL A 87 -8.14 1.14 -17.64
C VAL A 87 -9.19 1.95 -18.36
N THR A 88 -10.47 1.69 -18.09
CA THR A 88 -11.54 2.43 -18.75
C THR A 88 -12.27 3.29 -17.71
N PRO A 89 -12.00 4.60 -17.70
CA PRO A 89 -12.73 5.46 -16.78
C PRO A 89 -14.21 5.36 -17.07
N SER A 90 -15.05 5.33 -16.06
CA SER A 90 -16.45 5.12 -16.29
C SER A 90 -17.23 5.56 -15.09
N ASN A 91 -18.46 6.00 -15.32
CA ASN A 91 -19.36 6.24 -14.20
C ASN A 91 -20.53 5.28 -14.19
N LEU A 92 -20.35 4.13 -14.86
CA LEU A 92 -21.43 3.15 -14.99
C LEU A 92 -21.20 1.87 -14.21
N TRP A 93 -20.15 1.85 -13.39
CA TRP A 93 -19.78 0.63 -12.67
C TRP A 93 -20.49 0.48 -11.34
N GLY A 94 -21.18 1.55 -10.95
CA GLY A 94 -22.04 1.51 -9.78
C GLY A 94 -21.60 2.44 -8.69
N GLY A 95 -20.30 2.69 -8.63
CA GLY A 95 -19.73 3.46 -7.54
C GLY A 95 -19.36 4.87 -7.93
N GLN A 96 -18.62 5.54 -7.05
CA GLN A 96 -18.26 6.94 -7.22
C GLN A 96 -16.82 7.11 -7.70
N GLY A 97 -16.67 8.02 -8.65
CA GLY A 97 -15.41 8.28 -9.29
C GLY A 97 -15.30 7.52 -10.61
N LEU A 98 -14.52 8.05 -11.53
CA LEU A 98 -14.34 7.40 -12.81
C LEU A 98 -13.43 6.17 -12.70
N LEU A 99 -12.51 6.18 -11.74
CA LEU A 99 -11.63 5.02 -11.48
C LEU A 99 -11.94 4.22 -10.24
N GLY A 100 -12.45 4.90 -9.22
CA GLY A 100 -12.68 4.24 -7.94
C GLY A 100 -11.40 4.04 -7.15
N VAL A 101 -10.48 4.99 -7.28
CA VAL A 101 -9.23 4.94 -6.54
C VAL A 101 -8.97 6.24 -5.82
N SER A 102 -8.12 6.19 -4.80
CA SER A 102 -7.58 7.41 -4.21
C SER A 102 -6.07 7.38 -4.32
N ILE A 103 -5.51 8.56 -4.56
CA ILE A 103 -4.08 8.72 -4.81
C ILE A 103 -3.53 9.92 -4.05
N ARG A 104 -2.22 9.93 -3.90
CA ARG A 104 -1.48 11.13 -3.49
C ARG A 104 -0.24 11.24 -4.35
N PHE A 105 0.07 12.46 -4.77
CA PHE A 105 1.32 12.68 -5.49
C PHE A 105 2.48 12.28 -4.58
N CYS A 106 3.46 11.59 -5.15
CA CYS A 106 4.48 10.90 -4.36
C CYS A 106 5.70 10.62 -5.22
N SER A 107 6.56 9.71 -4.77
CA SER A 107 7.70 9.25 -5.54
C SER A 107 8.06 7.87 -4.98
N PHE A 108 8.46 6.96 -5.87
CA PHE A 108 8.52 5.55 -5.52
C PHE A 108 9.89 5.07 -5.04
N ASP A 109 10.92 5.91 -5.13
CA ASP A 109 12.25 5.48 -4.69
C ASP A 109 12.29 5.28 -3.17
N GLY A 110 12.67 4.08 -2.74
CA GLY A 110 12.69 3.73 -1.33
C GLY A 110 11.41 3.09 -0.80
N ALA A 111 10.34 3.08 -1.58
CA ALA A 111 9.03 2.64 -1.11
C ALA A 111 9.01 1.19 -0.62
N ASN A 112 9.77 0.34 -1.29
CA ASN A 112 9.76 -1.10 -0.97
C ASN A 112 10.50 -1.45 0.31
N GLU A 113 11.16 -0.48 0.93
CA GLU A 113 12.01 -0.79 2.06
C GLU A 113 11.29 -0.70 3.40
N ASN A 114 10.18 0.01 3.48
CA ASN A 114 9.49 0.20 4.74
CA ASN A 114 9.50 0.19 4.75
C ASN A 114 8.46 -0.91 4.97
N VAL A 115 8.95 -2.14 5.16
CA VAL A 115 8.07 -3.28 5.41
C VAL A 115 8.74 -4.14 6.45
N TRP A 116 7.93 -4.85 7.24
CA TRP A 116 8.41 -5.69 8.33
C TRP A 116 7.82 -7.08 8.18
N HIS A 117 8.67 -8.06 8.06
CA HIS A 117 8.29 -9.44 7.76
C HIS A 117 7.91 -10.19 9.04
N VAL A 118 6.70 -10.74 9.09
CA VAL A 118 6.28 -11.53 10.23
C VAL A 118 6.90 -12.92 10.14
N LEU A 119 7.63 -13.31 11.18
CA LEU A 119 8.31 -14.60 11.21
C LEU A 119 7.45 -15.55 12.08
N GLU A 120 8.06 -16.43 12.86
CA GLU A 120 7.29 -17.36 13.66
C GLU A 120 6.39 -16.64 14.62
N VAL A 121 5.18 -17.17 14.81
CA VAL A 121 4.18 -16.57 15.67
C VAL A 121 3.80 -17.59 16.74
N GLU A 122 3.97 -17.19 18.00
CA GLU A 122 3.67 -18.08 19.12
CA GLU A 122 3.67 -18.08 19.11
C GLU A 122 2.17 -18.22 19.35
N SER A 123 1.75 -19.42 19.73
CA SER A 123 0.36 -19.64 20.07
C SER A 123 -0.09 -18.71 21.21
N ASN A 124 -1.31 -18.18 21.05
CA ASN A 124 -1.95 -17.36 22.09
C ASN A 124 -1.28 -16.01 22.36
N SER A 125 -0.36 -15.63 21.48
CA SER A 125 0.34 -14.36 21.62
C SER A 125 -0.52 -13.21 21.14
N PRO A 126 -0.14 -11.97 21.48
CA PRO A 126 -0.79 -10.81 20.88
C PRO A 126 -0.78 -10.87 19.34
N ALA A 127 0.32 -11.32 18.76
CA ALA A 127 0.41 -11.47 17.31
C ALA A 127 -0.61 -12.48 16.79
N ALA A 128 -0.69 -13.64 17.45
CA ALA A 128 -1.66 -14.66 17.05
C ALA A 128 -3.09 -14.10 17.12
N LEU A 129 -3.39 -13.43 18.22
CA LEU A 129 -4.74 -12.92 18.44
C LEU A 129 -5.14 -11.90 17.38
N ALA A 130 -4.17 -11.10 16.95
CA ALA A 130 -4.38 -10.07 15.90
C ALA A 130 -4.60 -10.68 14.54
N GLY A 131 -4.21 -11.96 14.39
CA GLY A 131 -4.32 -12.65 13.12
C GLY A 131 -3.09 -12.56 12.23
N LEU A 132 -1.94 -12.21 12.80
CA LEU A 132 -0.72 -12.19 12.00
C LEU A 132 -0.33 -13.60 11.60
N ARG A 133 0.15 -13.74 10.37
CA ARG A 133 0.42 -15.05 9.80
C ARG A 133 1.91 -15.24 9.58
N PRO A 134 2.49 -16.32 10.15
CA PRO A 134 3.94 -16.47 10.01
C PRO A 134 4.36 -16.57 8.55
N HIS A 135 5.46 -15.88 8.25
CA HIS A 135 6.23 -16.01 7.01
C HIS A 135 5.62 -15.32 5.80
N SER A 136 4.30 -15.35 5.69
CA SER A 136 3.60 -14.80 4.54
C SER A 136 3.10 -13.37 4.75
N ASP A 137 3.00 -12.92 5.99
CA ASP A 137 2.59 -11.54 6.28
C ASP A 137 3.79 -10.59 6.31
N TYR A 138 3.55 -9.41 5.75
CA TYR A 138 4.47 -8.28 5.78
C TYR A 138 3.70 -7.06 6.26
N ILE A 139 4.12 -6.50 7.37
CA ILE A 139 3.51 -5.27 7.88
C ILE A 139 4.02 -4.12 6.99
N ILE A 140 3.10 -3.34 6.44
CA ILE A 140 3.44 -2.29 5.47
C ILE A 140 3.24 -0.88 6.01
N GLY A 141 2.76 -0.76 7.24
CA GLY A 141 2.59 0.55 7.83
C GLY A 141 1.59 0.58 8.95
N ALA A 142 1.32 1.79 9.44
CA ALA A 142 0.41 2.05 10.54
C ALA A 142 -0.13 3.47 10.34
N ASP A 143 -0.91 4.00 11.28
CA ASP A 143 -1.45 5.35 11.15
C ASP A 143 -0.48 6.46 11.59
N THR A 144 0.75 6.09 11.90
CA THR A 144 1.83 7.03 12.15
C THR A 144 3.07 6.67 11.34
N VAL A 145 3.95 7.64 11.15
CA VAL A 145 5.16 7.49 10.34
C VAL A 145 6.10 6.40 10.85
N MET A 146 6.55 5.54 9.93
CA MET A 146 7.60 4.56 10.23
C MET A 146 8.57 4.50 9.05
N ASN A 147 9.72 5.16 9.19
CA ASN A 147 10.68 5.26 8.09
C ASN A 147 12.07 4.68 8.41
N GLU A 148 12.17 3.95 9.52
CA GLU A 148 13.40 3.25 9.88
C GLU A 148 13.02 1.91 10.52
N SER A 149 13.94 0.94 10.43
CA SER A 149 13.77 -0.40 10.98
C SER A 149 13.12 -0.42 12.36
N GLU A 150 13.59 0.46 13.23
CA GLU A 150 13.27 0.41 14.64
C GLU A 150 11.92 1.05 14.95
N ASP A 151 11.32 1.70 13.96
CA ASP A 151 10.10 2.45 14.18
C ASP A 151 8.87 1.59 14.46
N LEU A 152 8.80 0.37 13.90
CA LEU A 152 7.69 -0.52 14.25
C LEU A 152 7.88 -0.91 15.71
N PHE A 153 9.11 -1.18 16.10
CA PHE A 153 9.38 -1.60 17.46
C PHE A 153 9.10 -0.46 18.43
N SER A 154 9.39 0.77 18.01
CA SER A 154 9.08 1.92 18.84
C SER A 154 7.57 2.08 18.97
N LEU A 155 6.85 1.88 17.86
CA LEU A 155 5.40 1.98 17.89
C LEU A 155 4.79 0.92 18.79
N ILE A 156 5.35 -0.27 18.75
CA ILE A 156 4.90 -1.34 19.63
C ILE A 156 5.12 -0.93 21.08
N GLU A 157 6.29 -0.38 21.39
CA GLU A 157 6.58 0.11 22.74
C GLU A 157 5.58 1.15 23.18
N THR A 158 5.33 2.13 22.30
CA THR A 158 4.42 3.21 22.66
C THR A 158 2.96 2.76 22.71
N HIS A 159 2.69 1.54 22.25
CA HIS A 159 1.36 0.95 22.36
C HIS A 159 1.30 -0.25 23.32
N GLU A 160 2.19 -0.28 24.31
CA GLU A 160 2.09 -1.30 25.35
C GLU A 160 0.70 -1.27 25.96
N ALA A 161 0.02 -2.41 25.86
CA ALA A 161 -1.34 -2.60 26.39
C ALA A 161 -2.42 -1.71 25.75
N LYS A 162 -2.15 -1.23 24.54
CA LYS A 162 -3.09 -0.39 23.81
C LYS A 162 -3.28 -0.95 22.39
N PRO A 163 -4.49 -0.77 21.81
CA PRO A 163 -4.71 -1.29 20.47
C PRO A 163 -3.98 -0.43 19.44
N LEU A 164 -3.37 -1.12 18.50
CA LEU A 164 -2.55 -0.52 17.47
C LEU A 164 -2.99 -1.08 16.13
N LYS A 165 -3.37 -0.17 15.21
CA LYS A 165 -3.76 -0.62 13.87
C LYS A 165 -2.54 -0.75 12.97
N LEU A 166 -2.43 -1.90 12.31
CA LEU A 166 -1.37 -2.15 11.36
C LEU A 166 -1.96 -2.52 10.01
N TYR A 167 -1.29 -2.09 8.96
CA TYR A 167 -1.63 -2.49 7.61
C TYR A 167 -0.70 -3.64 7.23
N VAL A 168 -1.26 -4.69 6.62
CA VAL A 168 -0.53 -5.95 6.43
C VAL A 168 -0.82 -6.52 5.03
N TYR A 169 0.26 -6.85 4.33
CA TYR A 169 0.19 -7.56 3.05
C TYR A 169 0.48 -9.04 3.26
N ASN A 170 -0.23 -9.91 2.55
CA ASN A 170 0.03 -11.34 2.63
C ASN A 170 0.40 -11.89 1.26
N THR A 171 1.52 -12.60 1.19
CA THR A 171 1.98 -13.12 -0.09
C THR A 171 1.11 -14.22 -0.66
N ASP A 172 0.43 -14.98 0.20
CA ASP A 172 -0.36 -16.09 -0.31
C ASP A 172 -1.67 -15.62 -0.92
N THR A 173 -2.35 -14.69 -0.26
CA THR A 173 -3.58 -14.16 -0.82
C THR A 173 -3.28 -12.99 -1.77
N ASP A 174 -2.07 -12.42 -1.66
CA ASP A 174 -1.64 -11.26 -2.49
C ASP A 174 -2.58 -10.09 -2.33
N ASN A 175 -2.93 -9.82 -1.08
CA ASN A 175 -3.90 -8.78 -0.68
C ASN A 175 -3.37 -8.06 0.55
N CYS A 176 -3.78 -6.82 0.73
CA CYS A 176 -3.55 -6.05 1.94
C CYS A 176 -4.80 -5.96 2.79
N ARG A 177 -4.61 -5.90 4.11
CA ARG A 177 -5.71 -5.82 5.08
C ARG A 177 -5.29 -4.97 6.28
N GLU A 178 -6.22 -4.72 7.19
CA GLU A 178 -5.96 -4.00 8.43
C GLU A 178 -6.08 -5.01 9.55
N VAL A 179 -5.17 -4.96 10.50
CA VAL A 179 -5.31 -5.73 11.73
C VAL A 179 -5.17 -4.79 12.93
N ILE A 180 -5.74 -5.21 14.05
CA ILE A 180 -5.55 -4.51 15.30
C ILE A 180 -4.81 -5.45 16.24
N ILE A 181 -3.66 -5.00 16.73
CA ILE A 181 -2.86 -5.75 17.70
C ILE A 181 -2.76 -4.98 19.00
N THR A 182 -2.81 -5.71 20.12
CA THR A 182 -2.59 -5.09 21.41
C THR A 182 -1.35 -5.69 22.04
N PRO A 183 -0.21 -5.00 21.92
CA PRO A 183 1.00 -5.49 22.57
C PRO A 183 0.78 -5.67 24.06
N ASN A 184 1.36 -6.71 24.63
CA ASN A 184 1.10 -7.02 26.03
C ASN A 184 2.25 -7.81 26.63
N SER A 185 3.04 -7.12 27.43
CA SER A 185 4.21 -7.72 28.05
C SER A 185 3.86 -8.82 29.04
N ALA A 186 2.60 -8.90 29.45
CA ALA A 186 2.16 -9.92 30.41
C ALA A 186 1.50 -11.08 29.72
N TRP A 187 1.71 -11.22 28.42
CA TRP A 187 0.97 -12.23 27.67
C TRP A 187 1.37 -13.64 28.06
N GLY A 188 2.56 -13.80 28.66
CA GLY A 188 3.03 -15.10 29.13
C GLY A 188 4.41 -15.48 28.63
N GLY A 189 4.81 -14.95 27.48
CA GLY A 189 6.09 -15.29 26.88
C GLY A 189 6.98 -14.08 26.76
N GLU A 190 7.98 -14.17 25.89
CA GLU A 190 8.95 -13.10 25.74
C GLU A 190 8.35 -11.91 25.00
N GLY A 191 8.76 -10.72 25.43
CA GLY A 191 8.34 -9.49 24.77
C GLY A 191 6.86 -9.21 24.88
N SER A 192 6.38 -8.32 24.03
CA SER A 192 4.99 -7.88 24.05
C SER A 192 4.23 -8.30 22.80
N LEU A 193 4.94 -8.92 21.86
CA LEU A 193 4.39 -9.24 20.57
C LEU A 193 4.15 -10.75 20.40
N GLY A 194 5.16 -11.54 20.71
CA GLY A 194 5.05 -12.98 20.59
C GLY A 194 5.21 -13.46 19.16
N CYS A 195 5.83 -12.64 18.31
CA CYS A 195 6.27 -13.14 17.02
C CYS A 195 7.60 -12.53 16.69
N GLY A 196 8.34 -13.18 15.81
CA GLY A 196 9.54 -12.61 15.26
C GLY A 196 9.23 -11.60 14.17
N ILE A 197 10.11 -10.62 14.00
CA ILE A 197 9.98 -9.60 12.96
C ILE A 197 11.32 -9.47 12.25
N GLY A 198 11.31 -9.56 10.92
CA GLY A 198 12.50 -9.33 10.12
C GLY A 198 12.41 -8.02 9.39
N TYR A 199 13.55 -7.36 9.24
CA TYR A 199 13.63 -6.12 8.47
C TYR A 199 14.91 -6.10 7.67
N GLY A 200 14.79 -5.72 6.39
CA GLY A 200 15.94 -5.53 5.51
C GLY A 200 15.82 -6.33 4.21
N TYR A 201 16.92 -6.43 3.46
CA TYR A 201 16.88 -7.02 2.10
C TYR A 201 16.47 -8.49 2.06
N LEU A 202 16.64 -9.22 3.15
CA LEU A 202 16.19 -10.61 3.24
C LEU A 202 14.74 -10.71 3.67
N HIS A 203 14.11 -9.57 3.99
CA HIS A 203 12.78 -9.53 4.62
C HIS A 203 11.84 -8.55 3.93
N ARG A 204 11.95 -8.56 2.61
CA ARG A 204 11.08 -7.73 1.76
C ARG A 204 10.15 -8.65 1.00
N ILE A 205 9.11 -8.09 0.42
CA ILE A 205 8.12 -8.91 -0.23
C ILE A 205 8.80 -9.61 -1.40
N PRO A 206 8.62 -10.94 -1.51
CA PRO A 206 9.34 -11.73 -2.53
C PRO A 206 9.17 -11.18 -3.93
N THR A 207 10.26 -11.00 -4.66
CA THR A 207 10.21 -10.55 -6.06
C THR A 207 10.51 -11.72 -7.00
N THR B 8 -10.62 -7.50 11.88
CA THR B 8 -9.88 -7.35 10.63
C THR B 8 -10.73 -6.66 9.53
N ARG B 9 -10.27 -5.51 9.07
CA ARG B 9 -10.91 -4.83 7.95
C ARG B 9 -10.17 -5.23 6.67
N TYR B 10 -10.90 -5.34 5.57
CA TYR B 10 -10.30 -5.78 4.30
C TYR B 10 -10.77 -5.00 3.09
N GLU B 11 -11.79 -4.17 3.24
CA GLU B 11 -12.50 -3.61 2.10
C GLU B 11 -12.29 -2.12 1.91
N ASN B 12 -11.98 -1.71 0.66
CA ASN B 12 -11.93 -0.32 0.27
C ASN B 12 -11.09 0.50 1.25
N ILE B 13 -9.98 -0.09 1.70
CA ILE B 13 -9.11 0.57 2.67
C ILE B 13 -8.25 1.62 2.00
N THR B 14 -8.07 2.75 2.67
CA THR B 14 -7.09 3.75 2.26
C THR B 14 -5.84 3.53 3.08
N PHE B 15 -4.79 3.10 2.39
CA PHE B 15 -3.51 2.79 3.01
C PHE B 15 -2.64 4.04 3.05
N ASN B 16 -3.04 5.00 3.86
CA ASN B 16 -2.40 6.31 3.87
C ASN B 16 -1.24 6.29 4.87
N CYS B 17 -0.28 5.40 4.62
CA CYS B 17 0.79 5.10 5.56
C CYS B 17 2.18 5.18 4.90
N CYS B 18 2.26 5.98 3.84
CA CYS B 18 3.51 6.20 3.13
C CYS B 18 4.18 7.53 3.51
N ASN B 19 5.44 7.48 3.97
CA ASN B 19 6.11 8.70 4.43
C ASN B 19 6.65 9.55 3.29
N HIS B 20 6.49 9.08 2.06
CA HIS B 20 6.93 9.84 0.89
C HIS B 20 5.80 10.64 0.25
N CYS B 21 4.54 10.30 0.53
CA CYS B 21 3.41 10.99 -0.09
C CYS B 21 3.47 12.48 0.24
N GLN B 22 3.29 13.30 -0.80
CA GLN B 22 3.41 14.75 -0.67
C GLN B 22 2.12 15.48 -0.98
N GLY B 23 1.38 14.98 -1.96
CA GLY B 23 0.18 15.64 -2.43
C GLY B 23 -1.02 15.37 -1.54
N GLU B 24 -2.10 16.12 -1.76
CA GLU B 24 -3.35 15.89 -1.05
CA GLU B 24 -3.35 15.89 -1.04
C GLU B 24 -4.00 14.58 -1.50
N LEU B 25 -4.76 13.95 -0.61
CA LEU B 25 -5.48 12.73 -0.93
C LEU B 25 -6.66 13.06 -1.85
N ILE B 26 -6.66 12.48 -3.04
CA ILE B 26 -7.65 12.77 -4.08
C ILE B 26 -8.34 11.48 -4.51
N ALA B 27 -9.66 11.51 -4.57
CA ALA B 27 -10.45 10.41 -5.08
C ALA B 27 -10.77 10.66 -6.54
N LEU B 28 -10.48 9.68 -7.40
CA LEU B 28 -10.69 9.80 -8.84
C LEU B 28 -11.44 8.60 -9.38
ZN ZN C . 3.39 7.64 -1.12
#